data_5AAD
#
_entry.id   5AAD
#
_cell.length_a   81.135
_cell.length_b   81.135
_cell.length_c   171.527
_cell.angle_alpha   90.00
_cell.angle_beta   90.00
_cell.angle_gamma   120.00
#
_symmetry.space_group_name_H-M   'P 61 2 2'
#
loop_
_entity.id
_entity.type
_entity.pdbx_description
1 polymer 'AURORA KINASE A'
2 non-polymer 7-(1-benzyl-1H-pyrazol-4-yl)-6-chloro-2-(1,3-dimethyl-1H-pyrazol-4-yl)-3H-imidazo[4,5-b]pyridine
3 non-polymer 'SULFATE ION'
4 water water
#
_entity_poly.entity_id   1
_entity_poly.type   'polypeptide(L)'
_entity_poly.pdbx_seq_one_letter_code
;GAMESKKRQWALEDFEIGRPLGKGKFGNVYLAREKQSKFILALKVLFKAQLEKAGVEHQLRREVEIQSHLRHPNILRLYG
YFHDATRVYLILEYAPLGTVYRELQKLSKFDEQRTATYITELANALSYCHSKRVIHRDIKPENLLLGSAGELKIADFGWS
VHAPSSRRTTLAGTLDYLPPEMIEGRMHDEKVDLWSLGVLCYEFLVGKPPFEANTYQETYKRISRVEFTFPDFVTEGARD
LISRLLKHNPSQRPMLREVLEHPWITANSSKPSNAQNKESASKQS
;
_entity_poly.pdbx_strand_id   A
#
loop_
_chem_comp.id
_chem_comp.type
_chem_comp.name
_chem_comp.formula
5GX non-polymer 7-(1-benzyl-1H-pyrazol-4-yl)-6-chloro-2-(1,3-dimethyl-1H-pyrazol-4-yl)-3H-imidazo[4,5-b]pyridine 'C21 H18 Cl N7'
SO4 non-polymer 'SULFATE ION' 'O4 S -2'
#
# COMPACT_ATOMS: atom_id res chain seq x y z
N GLN A 9 4.09 -3.40 -30.17
CA GLN A 9 3.43 -2.11 -30.25
C GLN A 9 1.99 -2.17 -29.77
N TRP A 10 1.79 -1.92 -28.48
CA TRP A 10 0.47 -1.81 -27.88
C TRP A 10 0.02 -0.34 -27.94
N ALA A 11 -1.27 -0.10 -28.17
CA ALA A 11 -1.85 1.25 -28.26
C ALA A 11 -3.28 1.29 -27.72
N LEU A 12 -3.80 2.49 -27.45
CA LEU A 12 -5.04 2.64 -26.69
C LEU A 12 -6.23 1.92 -27.27
N GLU A 13 -6.42 1.98 -28.59
CA GLU A 13 -7.62 1.37 -29.15
C GLU A 13 -7.49 -0.15 -29.31
N ASP A 14 -6.61 -0.78 -28.55
CA ASP A 14 -6.62 -2.26 -28.45
C ASP A 14 -7.48 -2.69 -27.30
N PHE A 15 -7.96 -1.71 -26.54
CA PHE A 15 -8.73 -1.98 -25.34
C PHE A 15 -10.07 -1.29 -25.39
N GLU A 16 -11.06 -1.89 -24.73
CA GLU A 16 -12.34 -1.25 -24.46
C GLU A 16 -12.35 -0.87 -22.98
N ILE A 17 -12.72 0.38 -22.70
CA ILE A 17 -12.62 0.97 -21.36
C ILE A 17 -13.92 0.86 -20.58
N GLY A 18 -13.85 0.27 -19.39
CA GLY A 18 -15.06 0.07 -18.61
C GLY A 18 -15.25 1.19 -17.60
N ARG A 19 -16.01 0.90 -16.56
CA ARG A 19 -16.21 1.89 -15.52
C ARG A 19 -14.87 2.28 -14.92
N PRO A 20 -14.74 3.57 -14.58
CA PRO A 20 -13.61 4.15 -13.87
C PRO A 20 -13.47 3.55 -12.48
N LEU A 21 -12.35 2.89 -12.21
CA LEU A 21 -12.13 2.21 -10.94
C LEU A 21 -11.69 3.17 -9.83
N GLY A 22 -10.57 3.85 -10.08
CA GLY A 22 -10.04 4.86 -9.15
C GLY A 22 -9.81 6.22 -9.80
N LYS A 23 -9.86 7.27 -8.98
CA LYS A 23 -9.45 8.60 -9.42
C LYS A 23 -8.10 8.91 -8.79
N GLY A 24 -7.33 9.79 -9.42
CA GLY A 24 -5.99 10.07 -8.92
C GLY A 24 -5.53 11.48 -9.18
N LYS A 25 -4.46 11.86 -8.50
CA LYS A 25 -3.90 13.20 -8.62
C LYS A 25 -3.47 13.48 -10.05
N PHE A 26 -2.86 12.49 -10.68
CA PHE A 26 -2.21 12.67 -11.97
C PHE A 26 -2.98 12.02 -13.10
N GLY A 27 -3.44 10.81 -12.83
CA GLY A 27 -4.26 10.10 -13.78
C GLY A 27 -5.29 9.25 -13.07
N ASN A 28 -6.08 8.52 -13.86
CA ASN A 28 -7.14 7.66 -13.33
C ASN A 28 -6.94 6.20 -13.69
N VAL A 29 -7.81 5.35 -13.20
CA VAL A 29 -7.79 3.94 -13.57
C VAL A 29 -9.17 3.41 -13.97
N TYR A 30 -9.22 2.72 -15.10
CA TYR A 30 -10.47 2.17 -15.59
C TYR A 30 -10.39 0.65 -15.68
N LEU A 31 -11.54 0.01 -15.68
CA LEU A 31 -11.62 -1.38 -16.05
C LEU A 31 -11.47 -1.40 -17.56
N ALA A 32 -10.77 -2.40 -18.08
CA ALA A 32 -10.58 -2.49 -19.51
C ALA A 32 -10.43 -3.92 -19.99
N ARG A 33 -10.73 -4.13 -21.27
CA ARG A 33 -10.62 -5.43 -21.88
C ARG A 33 -9.86 -5.35 -23.20
N GLU A 34 -8.77 -6.10 -23.34
CA GLU A 34 -8.06 -6.15 -24.61
C GLU A 34 -9.00 -6.83 -25.59
N LYS A 35 -9.09 -6.27 -26.78
CA LYS A 35 -10.08 -6.72 -27.74
C LYS A 35 -9.74 -8.10 -28.28
N GLN A 36 -8.50 -8.32 -28.69
CA GLN A 36 -8.15 -9.57 -29.36
C GLN A 36 -8.43 -10.82 -28.49
N SER A 37 -8.13 -10.72 -27.19
CA SER A 37 -8.17 -11.86 -26.26
C SER A 37 -9.31 -11.83 -25.24
N LYS A 38 -10.01 -10.71 -25.15
CA LYS A 38 -11.06 -10.49 -24.16
C LYS A 38 -10.49 -10.49 -22.72
N PHE A 39 -9.29 -9.95 -22.53
CA PHE A 39 -8.63 -10.02 -21.21
C PHE A 39 -8.97 -8.83 -20.34
N ILE A 40 -9.60 -9.14 -19.21
CA ILE A 40 -9.93 -8.11 -18.24
C ILE A 40 -8.77 -7.72 -17.35
N LEU A 41 -8.56 -6.42 -17.26
CA LEU A 41 -7.47 -5.91 -16.48
C LEU A 41 -7.76 -4.49 -16.10
N ALA A 42 -7.03 -3.97 -15.12
CA ALA A 42 -7.14 -2.57 -14.77
C ALA A 42 -6.13 -1.81 -15.59
N LEU A 43 -6.50 -0.59 -15.97
CA LEU A 43 -5.72 0.17 -16.92
C LEU A 43 -5.46 1.60 -16.46
N LYS A 44 -4.31 1.84 -15.81
CA LYS A 44 -4.02 3.17 -15.26
C LYS A 44 -3.60 4.13 -16.36
N VAL A 45 -4.22 5.30 -16.39
CA VAL A 45 -3.95 6.28 -17.41
C VAL A 45 -3.39 7.53 -16.79
N LEU A 46 -2.12 7.82 -17.06
CA LEU A 46 -1.46 8.96 -16.44
C LEU A 46 -1.29 10.06 -17.45
N PHE A 47 -1.17 11.29 -16.96
CA PHE A 47 -1.12 12.46 -17.84
C PHE A 47 0.25 13.17 -17.83
N LYS A 48 0.99 12.93 -18.91
CA LYS A 48 2.31 13.52 -19.15
C LYS A 48 2.47 14.92 -18.61
N ALA A 49 1.57 15.80 -19.06
CA ALA A 49 1.47 17.15 -18.54
C ALA A 49 1.66 17.20 -17.02
N GLN A 50 0.73 16.64 -16.28
CA GLN A 50 0.75 16.73 -14.82
C GLN A 50 1.98 16.08 -14.20
N LEU A 51 2.50 15.05 -14.86
CA LEU A 51 3.70 14.36 -14.35
C LEU A 51 4.94 15.19 -14.54
N GLU A 52 5.09 15.70 -15.76
CA GLU A 52 6.16 16.63 -16.05
C GLU A 52 6.05 17.78 -15.07
N LYS A 53 4.86 18.39 -15.00
CA LYS A 53 4.63 19.55 -14.16
C LYS A 53 5.07 19.34 -12.70
N ALA A 54 4.81 18.15 -12.14
CA ALA A 54 5.22 17.84 -10.78
C ALA A 54 6.54 17.05 -10.78
N GLY A 55 7.08 16.82 -11.97
CA GLY A 55 8.39 16.21 -12.13
C GLY A 55 8.54 14.86 -11.46
N VAL A 56 7.87 13.86 -12.01
CA VAL A 56 7.84 12.57 -11.36
C VAL A 56 8.15 11.46 -12.36
N GLU A 57 8.49 11.87 -13.58
CA GLU A 57 8.91 10.95 -14.63
C GLU A 57 9.80 9.83 -14.08
N HIS A 58 10.78 10.21 -13.26
CA HIS A 58 11.68 9.24 -12.66
C HIS A 58 10.95 8.17 -11.84
N GLN A 59 10.02 8.62 -10.99
CA GLN A 59 9.32 7.75 -10.05
C GLN A 59 8.39 6.77 -10.76
N LEU A 60 7.83 7.23 -11.87
CA LEU A 60 7.05 6.40 -12.77
C LEU A 60 7.90 5.31 -13.40
N ARG A 61 9.12 5.67 -13.81
CA ARG A 61 10.08 4.71 -14.36
C ARG A 61 10.41 3.69 -13.28
N ARG A 62 10.66 4.22 -12.09
CA ARG A 62 10.83 3.40 -10.90
C ARG A 62 9.66 2.46 -10.74
N GLU A 63 8.46 2.99 -10.48
CA GLU A 63 7.27 2.14 -10.28
C GLU A 63 7.22 1.02 -11.31
N VAL A 64 7.19 1.43 -12.57
CA VAL A 64 7.09 0.50 -13.66
C VAL A 64 8.19 -0.52 -13.59
N GLU A 65 9.43 -0.04 -13.54
CA GLU A 65 10.58 -0.93 -13.53
C GLU A 65 10.55 -1.84 -12.30
N ILE A 66 10.09 -1.32 -11.19
CA ILE A 66 10.02 -2.17 -10.00
C ILE A 66 8.90 -3.17 -10.12
N GLN A 67 7.66 -2.69 -10.31
CA GLN A 67 6.49 -3.57 -10.26
C GLN A 67 6.50 -4.58 -11.39
N SER A 68 7.17 -4.23 -12.48
CA SER A 68 7.30 -5.11 -13.62
C SER A 68 8.13 -6.32 -13.30
N HIS A 69 9.18 -6.15 -12.52
CA HIS A 69 10.03 -7.28 -12.22
C HIS A 69 9.72 -7.79 -10.79
N LEU A 70 8.45 -7.97 -10.50
CA LEU A 70 8.04 -8.53 -9.22
C LEU A 70 7.06 -9.69 -9.39
N ARG A 71 7.29 -10.79 -8.67
CA ARG A 71 6.40 -11.95 -8.73
C ARG A 71 5.95 -12.38 -7.35
N HIS A 72 4.70 -12.09 -7.00
CA HIS A 72 4.17 -12.47 -5.69
C HIS A 72 2.66 -12.33 -5.66
N PRO A 73 1.97 -13.33 -5.12
CA PRO A 73 0.51 -13.42 -5.03
C PRO A 73 -0.13 -12.30 -4.22
N ASN A 74 0.66 -11.46 -3.57
CA ASN A 74 0.08 -10.39 -2.81
C ASN A 74 0.57 -9.06 -3.32
N ILE A 75 1.07 -9.07 -4.56
CA ILE A 75 1.53 -7.85 -5.19
C ILE A 75 0.91 -7.69 -6.56
N LEU A 76 0.06 -6.69 -6.72
CA LEU A 76 -0.60 -6.43 -7.99
C LEU A 76 0.37 -6.50 -9.16
N ARG A 77 0.15 -7.47 -10.05
CA ARG A 77 1.04 -7.69 -11.17
C ARG A 77 1.02 -6.52 -12.13
N LEU A 78 2.15 -6.25 -12.77
CA LEU A 78 2.21 -5.24 -13.81
C LEU A 78 2.57 -5.91 -15.13
N TYR A 79 1.59 -5.98 -16.02
CA TYR A 79 1.71 -6.72 -17.26
C TYR A 79 2.55 -6.05 -18.37
N GLY A 80 2.48 -4.73 -18.46
CA GLY A 80 3.14 -4.00 -19.53
C GLY A 80 2.81 -2.53 -19.48
N TYR A 81 3.28 -1.77 -20.47
CA TYR A 81 3.06 -0.33 -20.53
C TYR A 81 3.04 0.12 -21.97
N PHE A 82 2.55 1.33 -22.19
CA PHE A 82 2.71 2.02 -23.46
C PHE A 82 2.22 3.44 -23.25
N HIS A 83 2.30 4.27 -24.28
CA HIS A 83 1.90 5.67 -24.16
C HIS A 83 1.66 6.34 -25.50
N ASP A 84 0.84 7.39 -25.49
CA ASP A 84 0.54 8.13 -26.70
C ASP A 84 1.22 9.47 -26.61
N ALA A 85 0.69 10.47 -27.32
CA ALA A 85 1.26 11.80 -27.29
C ALA A 85 1.01 12.51 -25.95
N THR A 86 -0.20 12.38 -25.42
CA THR A 86 -0.60 13.18 -24.28
C THR A 86 -0.46 12.46 -22.93
N ARG A 87 -0.69 11.14 -22.93
CA ARG A 87 -0.85 10.37 -21.70
C ARG A 87 0.05 9.15 -21.66
N VAL A 88 0.17 8.53 -20.50
CA VAL A 88 0.85 7.24 -20.41
C VAL A 88 -0.04 6.19 -19.75
N TYR A 89 -0.07 5.00 -20.34
CA TYR A 89 -0.95 3.93 -19.92
C TYR A 89 -0.20 2.84 -19.21
N LEU A 90 -0.67 2.48 -18.03
CA LEU A 90 -0.10 1.35 -17.29
C LEU A 90 -1.05 0.17 -17.27
N ILE A 91 -0.63 -0.94 -17.84
CA ILE A 91 -1.50 -2.10 -17.91
C ILE A 91 -1.33 -2.98 -16.67
N LEU A 92 -2.37 -3.00 -15.82
CA LEU A 92 -2.29 -3.68 -14.53
C LEU A 92 -3.26 -4.83 -14.37
N GLU A 93 -2.92 -5.70 -13.44
CA GLU A 93 -3.78 -6.79 -13.05
C GLU A 93 -5.05 -6.23 -12.47
N TYR A 94 -6.14 -6.96 -12.52
CA TYR A 94 -7.37 -6.39 -12.00
C TYR A 94 -7.77 -7.06 -10.69
N ALA A 95 -8.17 -6.22 -9.74
CA ALA A 95 -8.62 -6.70 -8.45
C ALA A 95 -10.13 -6.68 -8.42
N PRO A 96 -10.75 -7.86 -8.50
CA PRO A 96 -12.20 -7.99 -8.56
C PRO A 96 -12.84 -7.43 -7.33
N LEU A 97 -12.36 -7.82 -6.16
CA LEU A 97 -13.06 -7.60 -4.90
C LEU A 97 -12.72 -6.28 -4.24
N GLY A 98 -12.06 -5.41 -4.98
CA GLY A 98 -11.90 -4.03 -4.56
C GLY A 98 -10.77 -3.70 -3.62
N THR A 99 -10.93 -2.55 -2.98
CA THR A 99 -9.91 -1.98 -2.12
C THR A 99 -10.26 -2.23 -0.65
N VAL A 100 -9.22 -2.29 0.17
CA VAL A 100 -9.40 -2.48 1.60
C VAL A 100 -9.92 -1.19 2.19
N TYR A 101 -9.59 -0.09 1.51
CA TYR A 101 -10.01 1.21 1.94
C TYR A 101 -11.52 1.20 2.10
N ARG A 102 -12.23 0.85 1.03
CA ARG A 102 -13.67 0.88 1.12
C ARG A 102 -14.11 -0.23 2.05
N GLU A 103 -13.40 -1.34 1.96
CA GLU A 103 -13.70 -2.51 2.79
C GLU A 103 -13.80 -2.10 4.26
N LEU A 104 -12.92 -1.20 4.68
CA LEU A 104 -12.87 -0.76 6.07
C LEU A 104 -14.00 0.17 6.42
N GLN A 105 -14.15 1.23 5.63
CA GLN A 105 -15.13 2.24 5.95
C GLN A 105 -16.52 1.63 5.82
N LYS A 106 -16.63 0.61 4.98
CA LYS A 106 -17.87 -0.13 4.88
C LYS A 106 -18.11 -0.91 6.17
N LEU A 107 -17.13 -1.69 6.60
CA LEU A 107 -17.30 -2.54 7.80
C LEU A 107 -17.05 -1.82 9.09
N SER A 108 -16.80 -0.53 9.03
CA SER A 108 -16.47 0.26 10.21
C SER A 108 -15.07 -0.11 10.72
N LYS A 109 -14.84 -1.38 11.03
CA LYS A 109 -13.54 -1.85 11.52
C LYS A 109 -13.46 -3.38 11.39
N PHE A 110 -12.26 -3.96 11.50
CA PHE A 110 -12.06 -5.40 11.26
C PHE A 110 -11.81 -6.21 12.51
N ASP A 111 -12.28 -7.44 12.55
CA ASP A 111 -12.00 -8.28 13.71
C ASP A 111 -10.50 -8.66 13.76
N GLU A 112 -10.09 -9.35 14.81
CA GLU A 112 -8.69 -9.63 15.01
C GLU A 112 -8.24 -10.65 14.00
N GLN A 113 -9.19 -11.48 13.56
CA GLN A 113 -8.90 -12.57 12.67
C GLN A 113 -8.67 -12.07 11.24
N ARG A 114 -9.54 -11.20 10.76
CA ARG A 114 -9.34 -10.60 9.45
C ARG A 114 -8.09 -9.76 9.46
N THR A 115 -8.00 -8.86 10.44
CA THR A 115 -6.83 -8.01 10.62
C THR A 115 -5.54 -8.81 10.55
N ALA A 116 -5.40 -9.79 11.44
CA ALA A 116 -4.17 -10.54 11.50
C ALA A 116 -3.91 -11.29 10.21
N THR A 117 -4.95 -11.64 9.47
CA THR A 117 -4.71 -12.25 8.17
C THR A 117 -4.06 -11.25 7.24
N TYR A 118 -4.75 -10.14 6.97
CA TYR A 118 -4.25 -9.10 6.10
C TYR A 118 -2.81 -8.69 6.41
N ILE A 119 -2.39 -8.85 7.65
CA ILE A 119 -1.04 -8.44 8.04
C ILE A 119 -0.03 -9.45 7.58
N THR A 120 -0.33 -10.72 7.78
CA THR A 120 0.59 -11.74 7.36
C THR A 120 0.73 -11.71 5.83
N GLU A 121 -0.37 -11.38 5.16
CA GLU A 121 -0.30 -11.22 3.73
C GLU A 121 0.71 -10.12 3.40
N LEU A 122 0.54 -8.95 4.01
CA LEU A 122 1.48 -7.83 3.80
C LEU A 122 2.91 -8.15 4.14
N ALA A 123 3.08 -8.77 5.31
CA ALA A 123 4.39 -9.08 5.82
C ALA A 123 5.08 -10.00 4.85
N ASN A 124 4.34 -10.98 4.33
CA ASN A 124 4.85 -11.85 3.29
C ASN A 124 5.28 -11.04 2.09
N ALA A 125 4.36 -10.23 1.58
CA ALA A 125 4.64 -9.39 0.43
C ALA A 125 5.78 -8.44 0.69
N LEU A 126 5.90 -7.99 1.92
CA LEU A 126 6.94 -7.03 2.21
C LEU A 126 8.27 -7.74 2.34
N SER A 127 8.29 -8.92 2.95
CA SER A 127 9.52 -9.68 3.07
C SER A 127 10.11 -9.79 1.72
N TYR A 128 9.25 -10.21 0.81
CA TYR A 128 9.63 -10.36 -0.58
C TYR A 128 10.29 -9.06 -1.10
N CYS A 129 9.57 -7.95 -1.06
CA CYS A 129 10.11 -6.66 -1.51
C CYS A 129 11.44 -6.29 -0.89
N HIS A 130 11.63 -6.69 0.36
CA HIS A 130 12.84 -6.38 1.10
C HIS A 130 13.90 -7.36 0.71
N SER A 131 13.46 -8.58 0.39
CA SER A 131 14.34 -9.62 -0.09
C SER A 131 14.82 -9.29 -1.49
N LYS A 132 14.39 -8.14 -1.99
CA LYS A 132 14.93 -7.59 -3.21
C LYS A 132 15.34 -6.14 -2.95
N ARG A 133 15.50 -5.80 -1.68
CA ARG A 133 15.80 -4.42 -1.27
C ARG A 133 14.88 -3.43 -1.97
N VAL A 134 13.58 -3.56 -1.73
CA VAL A 134 12.62 -2.58 -2.23
C VAL A 134 11.77 -2.11 -1.07
N ILE A 135 11.79 -0.79 -0.82
CA ILE A 135 10.90 -0.20 0.18
C ILE A 135 9.71 0.47 -0.49
N HIS A 136 8.53 -0.02 -0.16
CA HIS A 136 7.32 0.54 -0.75
C HIS A 136 7.07 1.96 -0.29
N ARG A 137 7.28 2.18 1.01
CA ARG A 137 7.10 3.47 1.65
C ARG A 137 5.64 3.95 1.72
N ASP A 138 4.88 3.79 0.64
CA ASP A 138 3.55 4.39 0.63
C ASP A 138 2.44 3.36 0.81
N ILE A 139 2.41 2.73 1.99
CA ILE A 139 1.45 1.67 2.23
C ILE A 139 0.25 2.15 3.01
N LYS A 140 -0.89 2.22 2.34
CA LYS A 140 -2.10 2.72 2.95
C LYS A 140 -3.29 1.98 2.34
N PRO A 141 -4.43 1.96 3.05
CA PRO A 141 -5.58 1.15 2.66
C PRO A 141 -6.06 1.37 1.25
N GLU A 142 -5.85 2.56 0.70
CA GLU A 142 -6.19 2.78 -0.71
C GLU A 142 -5.09 2.29 -1.64
N ASN A 143 -4.16 1.49 -1.12
CA ASN A 143 -3.17 0.87 -2.00
C ASN A 143 -3.25 -0.64 -1.92
N LEU A 144 -4.08 -1.10 -1.00
CA LEU A 144 -4.29 -2.50 -0.79
C LEU A 144 -5.57 -2.93 -1.48
N LEU A 145 -5.44 -3.91 -2.35
CA LEU A 145 -6.52 -4.42 -3.19
C LEU A 145 -6.85 -5.84 -2.80
N LEU A 146 -8.08 -6.26 -3.10
CA LEU A 146 -8.47 -7.62 -2.77
C LEU A 146 -8.60 -8.47 -4.02
N GLY A 147 -7.98 -9.64 -3.99
CA GLY A 147 -8.03 -10.54 -5.12
C GLY A 147 -9.38 -11.22 -5.19
N SER A 148 -9.59 -12.06 -6.21
CA SER A 148 -10.86 -12.74 -6.36
C SER A 148 -11.06 -13.66 -5.18
N ALA A 149 -9.98 -14.18 -4.64
CA ALA A 149 -10.11 -15.05 -3.48
C ALA A 149 -10.14 -14.22 -2.20
N GLY A 150 -10.25 -12.92 -2.35
CA GLY A 150 -10.21 -12.02 -1.21
C GLY A 150 -8.82 -11.78 -0.64
N GLU A 151 -7.78 -12.17 -1.37
CA GLU A 151 -6.43 -11.99 -0.87
C GLU A 151 -5.99 -10.54 -1.01
N LEU A 152 -5.11 -10.13 -0.13
CA LEU A 152 -4.59 -8.78 -0.15
C LEU A 152 -3.54 -8.70 -1.23
N LYS A 153 -3.60 -7.64 -2.02
CA LYS A 153 -2.60 -7.42 -3.07
C LYS A 153 -2.17 -5.98 -3.03
N ILE A 154 -0.90 -5.72 -2.74
CA ILE A 154 -0.44 -4.34 -2.63
C ILE A 154 -0.25 -3.80 -4.03
N ALA A 155 -0.16 -2.49 -4.17
CA ALA A 155 -0.12 -1.89 -5.50
C ALA A 155 0.45 -0.48 -5.48
N ASP A 156 0.34 0.23 -6.60
CA ASP A 156 0.79 1.62 -6.70
C ASP A 156 2.18 1.85 -6.12
N PHE A 157 3.21 1.53 -6.89
CA PHE A 157 4.58 1.73 -6.41
C PHE A 157 5.13 3.10 -6.73
N GLY A 158 4.26 4.10 -6.66
CA GLY A 158 4.62 5.45 -7.07
C GLY A 158 5.62 6.08 -6.15
N TRP A 159 5.85 5.47 -5.00
CA TRP A 159 6.75 6.02 -4.01
C TRP A 159 7.75 4.98 -3.53
N SER A 160 7.93 3.96 -4.35
CA SER A 160 8.82 2.85 -4.06
C SER A 160 10.20 3.20 -4.54
N VAL A 161 11.20 2.47 -4.05
CA VAL A 161 12.61 2.81 -4.25
C VAL A 161 13.47 1.81 -3.45
N HIS A 162 14.80 2.01 -3.34
CA HIS A 162 15.67 1.06 -2.63
C HIS A 162 16.53 1.74 -1.56
N ALA A 163 16.87 0.98 -0.50
CA ALA A 163 17.72 1.40 0.64
C ALA A 163 18.40 2.79 0.54
N THR A 174 -0.85 13.25 2.30
CA THR A 174 -1.07 12.94 3.72
C THR A 174 0.00 12.03 4.31
N LEU A 175 0.23 12.27 5.60
CA LEU A 175 1.34 11.72 6.32
C LEU A 175 1.01 10.63 7.31
N ASP A 176 -0.27 10.31 7.49
CA ASP A 176 -0.66 9.37 8.54
C ASP A 176 0.22 8.13 8.59
N TYR A 177 0.66 7.65 7.44
CA TYR A 177 1.31 6.34 7.42
C TYR A 177 2.83 6.44 7.34
N LEU A 178 3.36 7.65 7.26
CA LEU A 178 4.80 7.84 7.20
C LEU A 178 5.43 7.77 8.58
N PRO A 179 6.66 7.23 8.68
CA PRO A 179 7.43 7.11 9.93
C PRO A 179 8.06 8.42 10.28
N PRO A 180 8.51 8.59 11.52
CA PRO A 180 9.13 9.87 11.85
C PRO A 180 10.34 10.20 10.96
N GLU A 181 11.22 9.22 10.74
CA GLU A 181 12.48 9.51 10.06
C GLU A 181 12.19 10.12 8.71
N MET A 182 11.11 9.66 8.11
CA MET A 182 10.73 10.14 6.81
C MET A 182 10.27 11.57 6.88
N ILE A 183 9.29 11.85 7.72
CA ILE A 183 8.73 13.19 7.73
C ILE A 183 9.74 14.24 8.21
N GLU A 184 10.69 13.84 9.05
CA GLU A 184 11.68 14.80 9.54
C GLU A 184 12.77 15.08 8.51
N GLY A 185 12.84 14.23 7.48
CA GLY A 185 13.83 14.37 6.42
C GLY A 185 15.16 13.73 6.76
N ARG A 186 15.14 12.44 7.07
CA ARG A 186 16.35 11.74 7.47
C ARG A 186 16.52 10.46 6.68
N MET A 187 17.65 9.79 6.84
CA MET A 187 17.92 8.55 6.11
C MET A 187 16.96 7.44 6.56
N HIS A 188 16.46 6.66 5.61
CA HIS A 188 15.54 5.57 5.96
C HIS A 188 15.74 4.28 5.17
N ASP A 189 15.03 3.24 5.57
CA ASP A 189 15.24 1.92 4.99
C ASP A 189 14.01 1.04 5.05
N GLU A 190 14.24 -0.27 5.06
CA GLU A 190 13.15 -1.23 5.07
C GLU A 190 12.28 -1.05 6.30
N LYS A 191 12.83 -0.42 7.33
CA LYS A 191 12.10 -0.29 8.59
C LYS A 191 10.95 0.68 8.44
N VAL A 192 10.94 1.40 7.32
CA VAL A 192 9.84 2.29 7.00
C VAL A 192 8.56 1.51 6.91
N ASP A 193 8.59 0.44 6.13
CA ASP A 193 7.42 -0.36 5.92
C ASP A 193 6.93 -0.94 7.24
N LEU A 194 7.84 -1.23 8.16
CA LEU A 194 7.45 -1.81 9.44
C LEU A 194 6.48 -0.86 10.17
N TRP A 195 6.84 0.42 10.21
CA TRP A 195 5.97 1.47 10.74
C TRP A 195 4.58 1.46 10.13
N SER A 196 4.55 1.45 8.81
CA SER A 196 3.31 1.44 8.06
C SER A 196 2.50 0.21 8.44
N LEU A 197 3.16 -0.92 8.48
CA LEU A 197 2.55 -2.16 8.93
C LEU A 197 1.91 -1.98 10.29
N GLY A 198 2.52 -1.11 11.09
CA GLY A 198 2.04 -0.86 12.43
C GLY A 198 0.78 -0.06 12.30
N VAL A 199 0.95 1.14 11.77
CA VAL A 199 -0.13 2.07 11.57
C VAL A 199 -1.33 1.39 10.94
N LEU A 200 -1.06 0.54 9.97
CA LEU A 200 -2.10 -0.16 9.27
C LEU A 200 -2.82 -1.14 10.15
N CYS A 201 -2.06 -1.83 10.98
CA CYS A 201 -2.68 -2.81 11.86
C CYS A 201 -3.66 -2.14 12.85
N TYR A 202 -3.24 -1.00 13.37
CA TYR A 202 -4.03 -0.18 14.30
C TYR A 202 -5.32 0.29 13.66
N GLU A 203 -5.22 0.68 12.39
CA GLU A 203 -6.36 1.25 11.71
C GLU A 203 -7.40 0.16 11.45
N PHE A 204 -6.92 -1.03 11.18
CA PHE A 204 -7.85 -2.13 10.93
C PHE A 204 -8.71 -2.38 12.16
N LEU A 205 -8.08 -2.40 13.31
CA LEU A 205 -8.80 -2.72 14.53
C LEU A 205 -9.65 -1.55 15.00
N VAL A 206 -9.13 -0.35 14.88
CA VAL A 206 -9.77 0.80 15.50
C VAL A 206 -10.62 1.56 14.51
N GLY A 207 -10.28 1.46 13.24
CA GLY A 207 -11.04 2.11 12.20
C GLY A 207 -10.44 3.46 11.92
N LYS A 208 -9.42 3.84 12.67
CA LYS A 208 -8.78 5.13 12.47
C LYS A 208 -7.28 5.05 12.69
N PRO A 209 -6.48 5.75 11.85
CA PRO A 209 -5.02 5.67 12.06
C PRO A 209 -4.63 6.28 13.39
N PRO A 210 -3.62 5.71 14.04
CA PRO A 210 -3.24 6.12 15.39
C PRO A 210 -3.01 7.60 15.46
N PHE A 211 -2.48 8.19 14.40
CA PHE A 211 -2.05 9.58 14.49
C PHE A 211 -2.96 10.56 13.79
N GLU A 212 -4.10 10.08 13.28
CA GLU A 212 -5.06 10.96 12.60
C GLU A 212 -5.32 12.26 13.37
N ALA A 213 -5.79 13.28 12.66
CA ALA A 213 -5.86 14.62 13.21
C ALA A 213 -6.47 15.60 12.21
N ASN A 214 -7.05 16.69 12.72
CA ASN A 214 -7.69 17.67 11.86
C ASN A 214 -6.70 18.51 11.04
N THR A 215 -5.45 18.56 11.51
CA THR A 215 -4.44 19.42 10.92
C THR A 215 -3.24 18.60 10.48
N TYR A 216 -2.55 19.10 9.45
CA TYR A 216 -1.31 18.52 8.99
C TYR A 216 -0.27 18.53 10.07
N GLN A 217 0.15 19.74 10.43
CA GLN A 217 1.26 19.94 11.34
C GLN A 217 0.89 19.45 12.72
N GLU A 218 -0.39 19.22 12.93
CA GLU A 218 -0.81 18.54 14.15
C GLU A 218 -0.47 17.05 14.07
N THR A 219 -0.82 16.41 12.96
CA THR A 219 -0.44 15.01 12.74
C THR A 219 1.08 14.85 12.82
N TYR A 220 1.79 15.81 12.23
CA TYR A 220 3.24 15.78 12.21
C TYR A 220 3.75 15.58 13.62
N LYS A 221 3.30 16.44 14.54
CA LYS A 221 3.74 16.41 15.94
C LYS A 221 3.46 15.03 16.54
N ARG A 222 2.22 14.56 16.40
CA ARG A 222 1.82 13.26 16.94
C ARG A 222 2.68 12.12 16.38
N ILE A 223 3.06 12.19 15.12
CA ILE A 223 3.92 11.16 14.55
C ILE A 223 5.31 11.31 15.11
N SER A 224 5.77 12.56 15.13
CA SER A 224 7.10 12.87 15.57
C SER A 224 7.31 12.50 17.05
N ARG A 225 6.35 12.81 17.92
CA ARG A 225 6.45 12.44 19.33
C ARG A 225 5.95 11.03 19.59
N VAL A 226 5.41 10.40 18.55
CA VAL A 226 4.82 9.07 18.64
C VAL A 226 3.73 9.08 19.69
N GLU A 227 2.63 9.75 19.39
CA GLU A 227 1.58 9.87 20.38
C GLU A 227 0.29 9.17 19.96
N PHE A 228 0.07 7.95 20.47
CA PHE A 228 -1.17 7.21 20.21
C PHE A 228 -1.66 6.52 21.47
N THR A 229 -2.93 6.14 21.49
CA THR A 229 -3.59 5.58 22.67
C THR A 229 -4.71 4.62 22.28
N PHE A 230 -4.58 3.38 22.72
CA PHE A 230 -5.49 2.31 22.33
C PHE A 230 -6.87 2.46 22.94
N PRO A 231 -7.90 2.26 22.11
CA PRO A 231 -9.25 2.18 22.64
C PRO A 231 -9.33 1.01 23.60
N ASP A 232 -10.37 0.99 24.39
CA ASP A 232 -10.59 -0.08 25.32
C ASP A 232 -10.53 -1.45 24.62
N PHE A 233 -11.18 -1.58 23.47
CA PHE A 233 -11.39 -2.91 22.87
C PHE A 233 -10.20 -3.59 22.17
N VAL A 234 -8.96 -3.27 22.50
CA VAL A 234 -7.88 -3.95 21.82
C VAL A 234 -7.06 -4.78 22.80
N THR A 235 -6.86 -6.05 22.44
CA THR A 235 -6.20 -7.00 23.31
C THR A 235 -4.78 -6.61 23.61
N GLU A 236 -4.26 -7.07 24.75
CA GLU A 236 -2.84 -6.95 25.05
C GLU A 236 -2.02 -7.47 23.89
N GLY A 237 -2.52 -8.52 23.22
CA GLY A 237 -1.82 -9.13 22.12
C GLY A 237 -1.65 -8.18 20.96
N ALA A 238 -2.77 -7.66 20.47
CA ALA A 238 -2.76 -6.64 19.44
C ALA A 238 -1.91 -5.45 19.87
N ARG A 239 -2.31 -4.84 20.98
CA ARG A 239 -1.53 -3.80 21.62
C ARG A 239 -0.05 -4.05 21.55
N ASP A 240 0.33 -5.27 21.88
CA ASP A 240 1.73 -5.61 21.89
C ASP A 240 2.40 -5.35 20.57
N LEU A 241 1.88 -6.03 19.56
CA LEU A 241 2.47 -6.00 18.25
C LEU A 241 2.63 -4.58 17.79
N ILE A 242 1.59 -3.81 18.02
CA ILE A 242 1.54 -2.47 17.51
C ILE A 242 2.58 -1.63 18.22
N SER A 243 2.71 -1.82 19.53
CA SER A 243 3.70 -1.07 20.30
C SER A 243 5.10 -1.31 19.77
N ARG A 244 5.44 -2.57 19.58
CA ARG A 244 6.77 -2.97 19.11
C ARG A 244 7.06 -2.45 17.72
N LEU A 245 5.98 -2.17 16.99
CA LEU A 245 6.02 -1.89 15.57
C LEU A 245 6.12 -0.38 15.31
N LEU A 246 5.60 0.39 16.25
CA LEU A 246 5.66 1.83 16.16
C LEU A 246 6.68 2.40 17.14
N LYS A 247 7.96 2.29 16.81
CA LYS A 247 9.00 2.86 17.63
C LYS A 247 9.67 4.02 16.89
N HIS A 248 10.02 5.07 17.63
CA HIS A 248 10.64 6.23 17.01
C HIS A 248 11.93 5.82 16.36
N ASN A 249 12.59 4.87 16.99
CA ASN A 249 13.90 4.44 16.53
C ASN A 249 13.75 3.28 15.56
N PRO A 250 14.04 3.51 14.27
CA PRO A 250 13.85 2.46 13.28
C PRO A 250 14.34 1.10 13.74
N SER A 251 15.52 1.02 14.33
CA SER A 251 16.10 -0.28 14.65
C SER A 251 15.44 -1.04 15.82
N GLN A 252 14.71 -0.34 16.70
CA GLN A 252 13.89 -1.02 17.72
C GLN A 252 12.78 -1.85 17.06
N ARG A 253 12.38 -1.49 15.84
CA ARG A 253 11.29 -2.15 15.13
C ARG A 253 11.66 -3.56 14.71
N PRO A 254 10.73 -4.52 14.85
CA PRO A 254 10.99 -5.95 14.62
C PRO A 254 11.27 -6.27 13.17
N MET A 255 12.08 -7.27 12.86
CA MET A 255 12.16 -7.71 11.47
C MET A 255 10.80 -8.30 11.12
N LEU A 256 10.55 -8.58 9.84
CA LEU A 256 9.23 -9.07 9.45
C LEU A 256 9.02 -10.48 9.90
N ARG A 257 10.10 -11.24 9.92
CA ARG A 257 10.07 -12.59 10.50
C ARG A 257 9.46 -12.54 11.89
N GLU A 258 9.95 -11.63 12.74
CA GLU A 258 9.44 -11.48 14.11
C GLU A 258 7.93 -11.28 14.16
N VAL A 259 7.45 -10.35 13.34
CA VAL A 259 6.01 -10.08 13.26
C VAL A 259 5.26 -11.32 12.93
N LEU A 260 5.69 -11.99 11.87
CA LEU A 260 5.02 -13.16 11.35
C LEU A 260 4.81 -14.20 12.45
N GLU A 261 5.73 -14.23 13.40
CA GLU A 261 5.63 -15.23 14.43
C GLU A 261 5.18 -14.60 15.73
N HIS A 262 4.60 -13.41 15.65
CA HIS A 262 4.11 -12.81 16.88
C HIS A 262 2.85 -13.56 17.27
N PRO A 263 2.83 -14.13 18.48
CA PRO A 263 1.78 -14.99 19.03
C PRO A 263 0.38 -14.53 18.65
N TRP A 264 0.12 -13.26 18.88
CA TRP A 264 -1.17 -12.68 18.59
C TRP A 264 -1.49 -12.89 17.15
N ILE A 265 -0.47 -12.81 16.29
CA ILE A 265 -0.68 -13.07 14.87
C ILE A 265 -0.87 -14.57 14.61
N THR A 266 -0.05 -15.40 15.26
CA THR A 266 -0.17 -16.86 15.18
C THR A 266 -1.55 -17.34 15.57
N ALA A 267 -1.98 -16.89 16.74
CA ALA A 267 -3.29 -17.23 17.29
C ALA A 267 -4.40 -16.96 16.30
N ASN A 268 -4.37 -15.78 15.68
CA ASN A 268 -5.50 -15.25 14.93
C ASN A 268 -5.33 -15.19 13.42
N SER A 269 -4.09 -15.20 12.94
CA SER A 269 -3.89 -15.12 11.49
C SER A 269 -4.38 -16.38 10.82
N SER A 270 -4.71 -16.26 9.55
CA SER A 270 -5.12 -17.43 8.80
C SER A 270 -4.85 -17.28 7.30
CL 5GX B . -4.83 -0.70 -10.04
C02 5GX B . -6.29 -1.46 -9.68
C03 5GX B . -7.33 -0.73 -9.13
C04 5GX B . -7.24 0.70 -8.65
C05 5GX B . -6.01 1.31 -8.32
N06 5GX B . -6.24 2.57 -7.83
C07 5GX B . -5.12 3.45 -7.43
C08 5GX B . -5.03 4.71 -8.30
C09 5GX B . -6.26 5.20 -8.81
C10 5GX B . -6.26 6.35 -9.57
C11 5GX B . -5.05 7.03 -9.85
C12 5GX B . -3.82 6.54 -9.31
C13 5GX B . -3.82 5.36 -8.53
N14 5GX B . -7.65 2.77 -7.76
C15 5GX B . -8.27 1.59 -8.25
C16 5GX B . -8.55 -1.42 -8.81
N17 5GX B . -9.78 -0.95 -8.21
C18 5GX B . -10.58 -2.02 -8.19
C19 5GX B . -11.97 -2.07 -7.68
C20 5GX B . -12.72 -3.26 -7.82
N21 5GX B . -13.87 -3.01 -7.29
C22 5GX B . -14.93 -3.98 -7.24
N23 5GX B . -13.93 -1.63 -6.79
C24 5GX B . -12.74 -1.07 -7.05
C25 5GX B . -12.32 0.30 -6.72
N26 5GX B . -9.93 -3.19 -8.77
C27 5GX B . -8.66 -2.82 -9.15
N28 5GX B . -7.66 -3.51 -9.72
C29 5GX B . -6.45 -2.88 -10.00
S SO4 C . -18.42 -9.70 -26.80
O1 SO4 C . -19.82 -10.07 -26.93
O2 SO4 C . -17.62 -10.54 -27.67
O3 SO4 C . -18.24 -8.30 -27.16
O4 SO4 C . -18.00 -9.89 -25.41
S SO4 D . 12.64 -8.25 7.00
O1 SO4 D . 12.77 -9.14 5.85
O2 SO4 D . 13.94 -7.61 7.26
O3 SO4 D . 11.69 -7.20 6.71
O4 SO4 D . 12.23 -9.03 8.16
#